data_3SI0
#
_entry.id   3SI0
#
_cell.length_a   82.408
_cell.length_b   63.688
_cell.length_c   77.159
_cell.angle_alpha   90.00
_cell.angle_beta   105.76
_cell.angle_gamma   90.00
#
_symmetry.space_group_name_H-M   'C 1 2 1'
#
loop_
_entity.id
_entity.type
_entity.pdbx_description
1 polymer 'Glutaminyl-peptide cyclotransferase'
2 branched 2-acetamido-2-deoxy-beta-D-glucopyranose-(1-4)-2-acetamido-2-deoxy-beta-D-glucopyranose
3 non-polymer 'ZINC ION'
4 non-polymer IMIDAZOLE
5 non-polymer 'CHLORIDE ION'
6 water water
#
_entity_poly.entity_id   1
_entity_poly.type   'polypeptide(L)'
_entity_poly.pdbx_seq_one_letter_code
;HHHHHHEEKNYHQPAILNSSALRQIAEGTSISEMWQNDLQPLLIERYPGSPGSYAARQHIMQRIQRLQADWVLEIDTFLS
QTPYGYRSFSNIISTLNPTAKRHLVLACHYDSKYFSHWNNRVFVGATDSAVPCAMMLELARALDKKLLSLKTVSDSKPDL
SLQLIFFDGEEAFLHWSPQDSLYGSRHLAAKMASTPHPPGARGTSQLHGMDLLVLLDLIGAPNPTFPNFFPNSARWFERL
QAIEHELHELGLLKDHSLEGRYFQNYSYGGVIQDDHIPFLRRGVPVLHLIPSPFPEVWHTMDDNEENLDESTIDNLNKIL
QVFVLEYLHL
;
_entity_poly.pdbx_strand_id   A
#
# COMPACT_ATOMS: atom_id res chain seq x y z
N GLU A 7 -5.65 21.42 -4.84
CA GLU A 7 -5.22 22.68 -4.15
C GLU A 7 -3.80 22.57 -3.59
N GLU A 8 -3.70 22.45 -2.27
CA GLU A 8 -2.43 22.32 -1.54
C GLU A 8 -1.63 21.09 -1.99
N LYS A 9 -2.31 19.95 -2.14
CA LYS A 9 -1.69 18.73 -2.66
C LYS A 9 -0.82 18.98 -3.88
N ASN A 10 -1.21 19.96 -4.71
CA ASN A 10 -0.55 20.21 -5.97
C ASN A 10 0.77 20.95 -5.84
N TYR A 11 0.89 21.68 -4.73
CA TYR A 11 2.05 22.51 -4.43
C TYR A 11 2.88 21.96 -3.28
N HIS A 12 2.35 20.94 -2.60
CA HIS A 12 3.06 20.28 -1.50
C HIS A 12 4.38 19.70 -1.98
N GLN A 13 5.39 19.98 -1.17
CA GLN A 13 6.81 19.67 -1.35
C GLN A 13 7.32 18.77 -0.19
N PRO A 14 8.24 17.81 -0.49
CA PRO A 14 8.78 16.99 0.60
C PRO A 14 9.80 17.80 1.41
N ALA A 15 10.02 17.47 2.67
CA ALA A 15 11.21 17.99 3.37
C ALA A 15 12.26 16.90 3.26
N ILE A 16 13.27 17.18 2.43
CA ILE A 16 14.30 16.19 2.07
C ILE A 16 15.31 16.01 3.22
N LEU A 17 15.52 14.74 3.60
CA LEU A 17 16.32 14.38 4.77
C LEU A 17 17.75 14.22 4.39
N ASN A 18 18.64 14.59 5.31
CA ASN A 18 20.08 14.46 5.07
C ASN A 18 20.64 13.04 5.26
N SER A 19 21.89 12.83 4.84
CA SER A 19 22.60 11.52 4.95
C SER A 19 22.49 10.77 6.28
N SER A 20 22.72 11.51 7.36
CA SER A 20 22.61 11.02 8.72
C SER A 20 21.20 10.45 8.94
N ALA A 21 20.21 11.24 8.55
CA ALA A 21 18.84 10.88 8.74
C ALA A 21 18.45 9.70 7.81
N LEU A 22 19.12 9.57 6.66
CA LEU A 22 18.90 8.43 5.79
C LEU A 22 19.38 7.13 6.46
N ARG A 23 20.60 7.15 6.98
CA ARG A 23 21.16 5.98 7.66
C ARG A 23 20.25 5.52 8.80
N GLN A 24 19.61 6.48 9.47
CA GLN A 24 18.74 6.22 10.61
C GLN A 24 17.53 5.40 10.17
N ILE A 25 16.98 5.76 9.00
CA ILE A 25 15.82 5.10 8.49
C ILE A 25 16.21 3.74 7.97
N ALA A 26 17.35 3.68 7.28
CA ALA A 26 17.82 2.40 6.80
C ALA A 26 18.05 1.43 7.95
N GLU A 27 18.61 1.92 9.05
CA GLU A 27 18.88 1.08 10.21
C GLU A 27 17.67 0.75 11.07
N GLY A 28 16.67 1.63 11.14
CA GLY A 28 15.61 1.44 12.11
C GLY A 28 14.48 0.54 11.60
N THR A 29 14.62 0.02 10.39
CA THR A 29 13.67 -1.00 9.86
C THR A 29 14.32 -2.40 9.85
N SER A 30 13.53 -3.44 10.14
CA SER A 30 14.03 -4.81 10.25
C SER A 30 13.30 -5.69 9.25
N ILE A 31 13.99 -6.25 8.28
CA ILE A 31 13.28 -7.07 7.32
C ILE A 31 12.84 -8.38 8.01
N SER A 32 13.63 -8.86 8.98
CA SER A 32 13.34 -10.16 9.65
C SER A 32 12.11 -10.05 10.56
N GLU A 33 11.97 -8.91 11.22
CA GLU A 33 10.82 -8.64 12.07
C GLU A 33 9.53 -8.63 11.23
N MET A 34 9.64 -8.04 10.03
CA MET A 34 8.52 -7.90 9.16
C MET A 34 8.11 -9.28 8.68
N TRP A 35 9.11 -10.10 8.39
CA TRP A 35 8.90 -11.43 7.85
C TRP A 35 8.13 -12.32 8.83
N GLN A 36 8.61 -12.35 10.08
CA GLN A 36 8.09 -13.26 11.07
C GLN A 36 6.80 -12.71 11.71
N ASN A 37 6.69 -11.41 11.87
CA ASN A 37 5.61 -10.86 12.66
C ASN A 37 4.54 -10.21 11.87
N ASP A 38 4.90 -9.69 10.71
CA ASP A 38 3.95 -8.97 9.90
C ASP A 38 3.54 -9.83 8.72
N LEU A 39 4.49 -10.54 8.11
CA LEU A 39 4.26 -11.18 6.81
C LEU A 39 3.79 -12.63 6.93
N GLN A 40 4.48 -13.42 7.76
CA GLN A 40 4.13 -14.84 7.85
C GLN A 40 2.68 -15.03 8.29
N PRO A 41 2.23 -14.31 9.34
CA PRO A 41 0.84 -14.64 9.60
C PRO A 41 -0.15 -14.37 8.47
N LEU A 42 0.22 -13.60 7.43
CA LEU A 42 -0.75 -13.30 6.32
C LEU A 42 -0.78 -14.29 5.21
N LEU A 43 0.22 -15.17 5.17
CA LEU A 43 0.39 -16.09 4.05
C LEU A 43 -0.56 -17.28 4.23
N ILE A 44 -1.85 -16.99 4.11
CA ILE A 44 -2.90 -17.94 4.38
C ILE A 44 -3.92 -17.67 3.28
N GLU A 45 -4.77 -18.65 3.02
CA GLU A 45 -5.84 -18.42 2.10
C GLU A 45 -6.75 -17.39 2.78
N ARG A 46 -7.02 -16.28 2.11
CA ARG A 46 -7.81 -15.26 2.77
C ARG A 46 -8.65 -14.59 1.73
N TYR A 47 -9.37 -15.35 0.89
CA TYR A 47 -10.23 -14.68 0.01
C TYR A 47 -11.45 -14.07 0.76
N PRO A 48 -12.17 -13.10 0.16
CA PRO A 48 -13.25 -12.42 0.87
C PRO A 48 -14.41 -13.25 1.44
N GLY A 49 -14.71 -12.98 2.70
CA GLY A 49 -15.68 -13.74 3.47
C GLY A 49 -15.26 -15.06 4.14
N SER A 50 -14.08 -15.60 3.78
CA SER A 50 -13.50 -16.86 4.34
C SER A 50 -13.02 -16.63 5.80
N PRO A 51 -12.83 -17.72 6.58
CA PRO A 51 -12.24 -17.64 7.91
C PRO A 51 -10.83 -17.13 7.83
N GLY A 52 -10.10 -17.50 6.78
CA GLY A 52 -8.78 -16.88 6.52
C GLY A 52 -8.83 -15.34 6.35
N SER A 53 -9.83 -14.89 5.61
CA SER A 53 -10.01 -13.41 5.65
C SER A 53 -10.04 -12.76 7.07
N TYR A 54 -10.78 -13.43 8.00
CA TYR A 54 -11.04 -12.92 9.30
C TYR A 54 -9.79 -12.91 10.14
N ALA A 55 -9.05 -14.04 10.11
CA ALA A 55 -7.76 -14.15 10.77
C ALA A 55 -6.78 -13.12 10.20
N ALA A 56 -6.72 -12.97 8.88
CA ALA A 56 -5.87 -11.88 8.34
C ALA A 56 -6.28 -10.49 8.88
N ARG A 57 -7.58 -10.20 8.79
CA ARG A 57 -8.10 -8.92 9.34
C ARG A 57 -7.69 -8.75 10.77
N GLN A 58 -7.87 -9.80 11.58
CA GLN A 58 -7.52 -9.72 13.00
C GLN A 58 -6.05 -9.47 13.21
N HIS A 59 -5.22 -10.17 12.45
CA HIS A 59 -3.75 -9.94 12.45
C HIS A 59 -3.41 -8.46 12.16
N ILE A 60 -3.90 -7.98 11.02
CA ILE A 60 -3.65 -6.56 10.62
C ILE A 60 -3.97 -5.63 11.82
N MET A 61 -5.17 -5.76 12.39
CA MET A 61 -5.63 -4.84 13.47
C MET A 61 -4.81 -4.90 14.74
N GLN A 62 -4.53 -6.14 15.12
CA GLN A 62 -3.67 -6.46 16.19
C GLN A 62 -2.30 -5.83 16.09
N ARG A 63 -1.68 -5.91 14.90
CA ARG A 63 -0.32 -5.41 14.72
C ARG A 63 -0.38 -3.90 14.73
N ILE A 64 -1.45 -3.38 14.11
CA ILE A 64 -1.71 -1.96 14.32
C ILE A 64 -1.97 -1.46 15.76
N GLN A 65 -2.81 -2.15 16.53
CA GLN A 65 -3.17 -1.69 17.89
C GLN A 65 -1.97 -1.65 18.78
N ARG A 66 -0.88 -2.30 18.38
CA ARG A 66 0.13 -2.62 19.42
C ARG A 66 1.13 -1.50 19.49
N LEU A 67 0.91 -0.44 18.74
CA LEU A 67 1.85 0.59 18.43
C LEU A 67 1.31 1.78 19.13
N GLN A 68 2.24 2.59 19.68
CA GLN A 68 1.88 3.84 20.35
C GLN A 68 1.28 4.97 19.50
N ALA A 69 1.81 5.26 18.31
CA ALA A 69 1.01 6.13 17.43
C ALA A 69 -0.50 5.78 17.55
N ASP A 70 -1.31 6.82 17.44
CA ASP A 70 -2.66 6.80 17.85
C ASP A 70 -3.46 6.50 16.62
N TRP A 71 -3.21 5.35 16.04
CA TRP A 71 -4.03 4.92 14.88
C TRP A 71 -5.44 4.69 15.28
N VAL A 72 -6.36 5.13 14.39
CA VAL A 72 -7.79 5.01 14.59
C VAL A 72 -8.27 4.04 13.51
N LEU A 73 -8.77 2.90 13.99
CA LEU A 73 -9.17 1.83 13.07
C LEU A 73 -10.60 1.81 12.81
N GLU A 74 -11.00 1.43 11.59
CA GLU A 74 -12.36 1.45 11.24
C GLU A 74 -12.53 0.39 10.16
N ILE A 75 -13.65 -0.31 10.20
CA ILE A 75 -13.85 -1.45 9.36
C ILE A 75 -15.03 -1.15 8.50
N ASP A 76 -14.82 -1.13 7.21
CA ASP A 76 -15.89 -0.78 6.36
C ASP A 76 -16.41 -2.13 5.88
N THR A 77 -17.45 -2.69 6.54
CA THR A 77 -17.98 -4.00 6.12
C THR A 77 -19.22 -3.89 5.25
N PHE A 78 -19.49 -4.80 4.34
CA PHE A 78 -20.64 -4.60 3.49
C PHE A 78 -20.92 -5.87 2.74
N LEU A 79 -22.09 -6.02 2.18
CA LEU A 79 -22.43 -7.16 1.35
C LEU A 79 -22.39 -6.73 -0.06
N SER A 80 -21.83 -7.56 -0.91
CA SER A 80 -22.02 -7.28 -2.34
C SER A 80 -22.43 -8.52 -3.14
N GLN A 81 -23.23 -8.35 -4.19
CA GLN A 81 -23.55 -9.50 -5.09
C GLN A 81 -22.21 -10.02 -5.73
N THR A 82 -21.95 -11.33 -5.70
CA THR A 82 -20.80 -11.88 -6.42
C THR A 82 -21.34 -12.99 -7.31
N PRO A 83 -20.46 -13.57 -8.15
CA PRO A 83 -20.86 -14.70 -8.98
C PRO A 83 -21.24 -15.93 -8.08
N TYR A 84 -20.83 -15.87 -6.80
CA TYR A 84 -21.22 -16.86 -5.76
C TYR A 84 -22.25 -16.35 -4.74
N GLY A 85 -23.07 -15.37 -5.18
CA GLY A 85 -24.14 -14.77 -4.37
C GLY A 85 -23.56 -13.71 -3.44
N TYR A 86 -24.42 -13.19 -2.58
CA TYR A 86 -24.00 -12.12 -1.72
C TYR A 86 -22.95 -12.62 -0.80
N ARG A 87 -21.97 -11.80 -0.47
CA ARG A 87 -20.91 -12.23 0.41
C ARG A 87 -20.45 -11.01 1.10
N SER A 88 -19.63 -11.19 2.12
CA SER A 88 -19.30 -10.09 2.98
C SER A 88 -17.88 -9.60 2.75
N PHE A 89 -17.64 -8.29 2.77
CA PHE A 89 -16.28 -7.75 2.50
C PHE A 89 -15.93 -6.83 3.64
N SER A 90 -14.67 -6.47 3.86
CA SER A 90 -14.39 -5.63 5.04
C SER A 90 -13.09 -4.93 4.70
N ASN A 91 -13.11 -3.64 4.33
CA ASN A 91 -11.88 -2.97 4.00
C ASN A 91 -11.38 -2.53 5.38
N ILE A 92 -10.11 -2.29 5.55
CA ILE A 92 -9.64 -1.93 6.95
C ILE A 92 -8.95 -0.65 6.77
N ILE A 93 -9.34 0.36 7.56
CA ILE A 93 -8.75 1.70 7.51
C ILE A 93 -8.13 2.05 8.83
N SER A 94 -6.87 2.43 8.79
CA SER A 94 -6.09 2.82 9.97
C SER A 94 -5.71 4.26 9.68
N THR A 95 -6.24 5.20 10.48
CA THR A 95 -5.93 6.61 10.25
C THR A 95 -5.29 7.21 11.47
N LEU A 96 -4.20 7.93 11.28
CA LEU A 96 -3.77 8.90 12.29
C LEU A 96 -4.50 10.24 12.02
N ASN A 97 -4.90 10.91 13.08
CA ASN A 97 -5.52 12.24 13.01
C ASN A 97 -6.74 12.25 12.06
N PRO A 98 -7.83 11.57 12.42
CA PRO A 98 -8.85 11.42 11.37
C PRO A 98 -9.52 12.71 10.97
N THR A 99 -9.37 13.77 11.76
CA THR A 99 -10.03 15.01 11.46
C THR A 99 -9.10 15.99 10.73
N ALA A 100 -7.81 15.66 10.69
CA ALA A 100 -6.92 16.37 9.81
C ALA A 100 -7.50 16.38 8.39
N LYS A 101 -7.28 17.52 7.74
CA LYS A 101 -7.87 17.81 6.46
C LYS A 101 -7.26 16.96 5.39
N ARG A 102 -5.93 16.90 5.34
CA ARG A 102 -5.24 16.12 4.31
C ARG A 102 -4.61 14.84 4.84
N HIS A 103 -4.69 13.78 4.03
CA HIS A 103 -3.94 12.55 4.34
C HIS A 103 -3.23 11.93 3.14
N LEU A 104 -1.94 11.66 3.37
CA LEU A 104 -1.20 10.68 2.56
C LEU A 104 -1.77 9.29 2.78
N VAL A 105 -2.19 8.61 1.71
CA VAL A 105 -2.78 7.32 1.90
C VAL A 105 -1.85 6.19 1.38
N LEU A 106 -1.51 5.23 2.23
CA LEU A 106 -0.90 3.98 1.75
C LEU A 106 -1.94 2.80 1.58
N ALA A 107 -1.79 1.99 0.55
CA ALA A 107 -2.83 0.97 0.31
C ALA A 107 -2.32 -0.32 -0.39
N CYS A 108 -2.85 -1.47 0.05
CA CYS A 108 -2.60 -2.81 -0.53
C CYS A 108 -4.01 -3.41 -0.55
N HIS A 109 -4.23 -4.48 -1.32
CA HIS A 109 -5.41 -5.27 -1.05
C HIS A 109 -4.96 -6.48 -0.26
N TYR A 110 -5.68 -6.79 0.83
CA TYR A 110 -5.36 -7.91 1.76
C TYR A 110 -6.12 -9.19 1.48
N ASP A 111 -7.11 -9.21 0.57
CA ASP A 111 -7.60 -10.51 0.12
C ASP A 111 -6.59 -11.36 -0.74
N SER A 112 -6.87 -12.67 -0.93
CA SER A 112 -6.12 -13.46 -1.86
C SER A 112 -7.20 -13.93 -2.87
N LYS A 113 -6.77 -14.23 -4.04
CA LYS A 113 -7.71 -14.54 -5.15
C LYS A 113 -8.26 -15.92 -4.92
N TYR A 114 -9.55 -16.00 -4.87
CA TYR A 114 -10.17 -17.33 -4.81
C TYR A 114 -9.75 -18.21 -5.97
N PHE A 115 -9.14 -19.36 -5.70
CA PHE A 115 -8.91 -20.36 -6.77
C PHE A 115 -9.68 -21.69 -6.66
N ASN A 119 -3.84 -26.83 -7.37
CA ASN A 119 -3.18 -28.01 -7.96
C ASN A 119 -3.24 -29.18 -6.97
N ASN A 120 -4.12 -29.05 -5.98
CA ASN A 120 -3.95 -29.64 -4.64
C ASN A 120 -2.85 -28.83 -3.93
N ARG A 121 -2.91 -27.50 -4.16
CA ARG A 121 -2.12 -26.48 -3.46
C ARG A 121 -3.00 -25.25 -3.18
N VAL A 122 -2.51 -24.36 -2.33
CA VAL A 122 -3.33 -23.21 -1.94
C VAL A 122 -2.70 -21.95 -2.48
N PHE A 123 -3.50 -21.04 -3.03
CA PHE A 123 -3.00 -19.74 -3.47
C PHE A 123 -2.89 -18.80 -2.28
N VAL A 124 -1.69 -18.26 -1.98
CA VAL A 124 -1.57 -17.34 -0.83
C VAL A 124 -1.18 -15.91 -1.18
N GLY A 125 -1.12 -15.57 -2.48
CA GLY A 125 -0.75 -14.24 -3.01
C GLY A 125 0.33 -13.57 -2.16
N ALA A 126 1.55 -14.10 -2.26
CA ALA A 126 2.65 -13.60 -1.46
C ALA A 126 3.09 -12.16 -1.88
N THR A 127 3.33 -11.95 -3.18
CA THR A 127 3.43 -10.59 -3.74
C THR A 127 2.07 -9.85 -3.84
N ASP A 128 0.96 -10.60 -3.85
CA ASP A 128 -0.35 -10.17 -4.32
C ASP A 128 -1.42 -10.50 -3.18
N SER A 129 -1.28 -9.89 -2.02
CA SER A 129 -0.41 -8.79 -1.79
C SER A 129 0.01 -8.80 -0.35
N ALA A 130 0.32 -9.96 0.21
CA ALA A 130 0.72 -10.05 1.59
C ALA A 130 1.90 -9.15 1.88
N VAL A 131 2.82 -9.12 0.92
CA VAL A 131 4.03 -8.36 1.07
C VAL A 131 3.72 -6.83 1.11
N PRO A 132 2.99 -6.33 0.10
CA PRO A 132 2.58 -4.90 0.23
C PRO A 132 1.94 -4.62 1.61
N CYS A 133 0.98 -5.45 2.07
CA CYS A 133 0.43 -5.17 3.44
C CYS A 133 1.44 -5.17 4.57
N ALA A 134 2.38 -6.13 4.51
CA ALA A 134 3.33 -6.28 5.61
C ALA A 134 4.31 -5.14 5.64
N MET A 135 4.70 -4.69 4.45
CA MET A 135 5.48 -3.45 4.25
C MET A 135 4.78 -2.26 4.88
N MET A 136 3.49 -2.13 4.62
CA MET A 136 2.67 -1.07 5.28
C MET A 136 2.77 -1.21 6.79
N LEU A 137 2.51 -2.44 7.25
CA LEU A 137 2.74 -2.73 8.68
C LEU A 137 4.13 -2.44 9.24
N GLU A 138 5.17 -2.78 8.48
CA GLU A 138 6.53 -2.59 8.98
C GLU A 138 6.85 -1.08 9.00
N LEU A 139 6.30 -0.38 7.98
CA LEU A 139 6.42 1.07 7.96
C LEU A 139 5.82 1.70 9.24
N ALA A 140 4.63 1.28 9.58
CA ALA A 140 3.94 1.77 10.77
C ALA A 140 4.78 1.49 12.05
N ARG A 141 5.42 0.32 12.08
CA ARG A 141 6.27 -0.01 13.23
C ARG A 141 7.55 0.76 13.17
N ALA A 142 8.29 0.70 12.07
CA ALA A 142 9.61 1.38 12.04
C ALA A 142 9.49 2.87 12.31
N LEU A 143 8.39 3.45 11.86
CA LEU A 143 8.24 4.92 12.03
C LEU A 143 7.45 5.32 13.27
N ASP A 144 7.08 4.36 14.12
CA ASP A 144 6.14 4.58 15.21
C ASP A 144 6.52 5.82 16.00
N LYS A 145 7.74 5.84 16.48
CA LYS A 145 8.06 6.99 17.28
C LYS A 145 7.87 8.34 16.52
N LYS A 146 8.39 8.44 15.29
CA LYS A 146 8.22 9.71 14.53
C LYS A 146 6.75 9.96 14.20
N LEU A 147 5.97 8.92 13.95
CA LEU A 147 4.55 9.11 13.70
C LEU A 147 3.77 9.54 14.95
N LEU A 148 4.30 9.18 16.13
CA LEU A 148 3.69 9.49 17.41
C LEU A 148 3.65 11.02 17.57
N SER A 149 4.71 11.72 17.15
CA SER A 149 4.82 13.21 17.29
C SER A 149 3.63 14.03 16.67
N LEU A 150 3.03 13.48 15.59
CA LEU A 150 1.88 14.03 14.87
C LEU A 150 0.57 14.10 15.66
N LYS A 151 0.64 13.77 16.94
CA LYS A 151 -0.56 13.69 17.75
C LYS A 151 -0.70 14.92 18.64
N ASP A 159 -1.44 20.22 8.90
CA ASP A 159 -2.71 19.50 8.98
C ASP A 159 -2.80 18.34 7.98
N LEU A 160 -1.68 17.65 7.91
CA LEU A 160 -1.51 16.57 6.98
C LEU A 160 -1.08 15.38 7.79
N SER A 161 -1.71 14.25 7.53
CA SER A 161 -1.30 13.05 8.22
C SER A 161 -1.32 11.81 7.31
N LEU A 162 -1.14 10.65 7.95
CA LEU A 162 -1.08 9.35 7.28
C LEU A 162 -2.35 8.49 7.42
N GLN A 163 -2.74 7.81 6.35
CA GLN A 163 -3.80 6.84 6.47
C GLN A 163 -3.24 5.57 5.89
N LEU A 164 -3.51 4.42 6.53
CA LEU A 164 -3.33 3.13 5.83
C LEU A 164 -4.69 2.55 5.42
N ILE A 165 -4.85 2.11 4.17
CA ILE A 165 -6.00 1.32 3.73
C ILE A 165 -5.61 -0.12 3.31
N PHE A 166 -6.25 -1.14 3.88
CA PHE A 166 -6.16 -2.50 3.35
C PHE A 166 -7.48 -2.90 2.75
N PHE A 167 -7.54 -2.89 1.43
CA PHE A 167 -8.74 -3.22 0.69
C PHE A 167 -9.07 -4.72 0.65
N ASP A 168 -10.37 -5.04 0.74
CA ASP A 168 -10.74 -6.39 0.72
C ASP A 168 -11.29 -6.58 -0.67
N GLY A 169 -11.42 -7.80 -1.18
CA GLY A 169 -12.16 -7.98 -2.45
C GLY A 169 -11.55 -7.30 -3.70
N GLU A 170 -10.28 -6.89 -3.65
CA GLU A 170 -9.57 -6.50 -4.93
C GLU A 170 -9.85 -7.44 -6.12
N GLU A 171 -9.64 -8.76 -5.92
CA GLU A 171 -9.74 -9.80 -6.96
C GLU A 171 -11.10 -10.21 -7.47
N ALA A 172 -11.15 -10.60 -8.73
CA ALA A 172 -12.32 -11.29 -9.30
C ALA A 172 -12.54 -12.63 -8.59
N PHE A 173 -13.79 -12.96 -8.35
CA PHE A 173 -14.13 -14.25 -7.79
C PHE A 173 -14.10 -15.22 -8.94
N LEU A 174 -14.45 -14.77 -10.15
CA LEU A 174 -14.56 -15.70 -11.27
C LEU A 174 -13.79 -15.30 -12.56
N HIS A 175 -13.92 -14.05 -12.99
CA HIS A 175 -13.43 -13.61 -14.25
C HIS A 175 -13.51 -12.10 -14.11
N TRP A 176 -12.36 -11.44 -14.29
CA TRP A 176 -12.20 -10.08 -13.88
C TRP A 176 -13.02 -9.16 -14.75
N SER A 177 -14.05 -8.55 -14.17
CA SER A 177 -14.86 -7.60 -14.94
C SER A 177 -15.13 -6.36 -14.09
N PRO A 178 -15.77 -5.33 -14.71
CA PRO A 178 -16.10 -4.14 -13.91
C PRO A 178 -16.84 -4.49 -12.62
N GLN A 179 -17.74 -5.47 -12.66
CA GLN A 179 -18.55 -5.86 -11.49
C GLN A 179 -17.97 -6.99 -10.70
N ASP A 180 -17.07 -7.72 -11.30
CA ASP A 180 -16.40 -8.81 -10.58
C ASP A 180 -14.94 -8.44 -10.44
N SER A 181 -14.67 -7.56 -9.46
CA SER A 181 -13.33 -7.11 -9.03
C SER A 181 -13.48 -5.89 -8.23
N LEU A 182 -12.44 -5.54 -7.45
CA LEU A 182 -12.39 -4.27 -6.78
C LEU A 182 -13.60 -3.95 -5.92
N TYR A 183 -14.16 -4.95 -5.26
CA TYR A 183 -15.44 -4.78 -4.49
C TYR A 183 -15.08 -3.76 -3.39
N GLY A 184 -13.99 -4.05 -2.71
CA GLY A 184 -13.51 -3.24 -1.49
C GLY A 184 -13.35 -1.78 -1.92
N SER A 185 -12.48 -1.55 -2.91
CA SER A 185 -12.06 -0.21 -3.24
C SER A 185 -13.17 0.62 -3.82
N ARG A 186 -13.98 0.03 -4.70
CA ARG A 186 -15.11 0.69 -5.29
C ARG A 186 -16.19 1.08 -4.27
N HIS A 187 -16.47 0.17 -3.34
CA HIS A 187 -17.34 0.53 -2.24
C HIS A 187 -16.69 1.65 -1.39
N LEU A 188 -15.40 1.61 -1.23
CA LEU A 188 -14.84 2.62 -0.24
C LEU A 188 -14.65 4.06 -0.88
N ALA A 189 -14.22 4.09 -2.15
CA ALA A 189 -14.06 5.33 -2.86
C ALA A 189 -15.43 6.05 -2.86
N ALA A 190 -16.51 5.33 -3.11
CA ALA A 190 -17.85 5.88 -3.01
C ALA A 190 -18.30 6.30 -1.61
N LYS A 191 -17.99 5.50 -0.61
CA LYS A 191 -18.27 5.89 0.79
C LYS A 191 -17.59 7.22 0.98
N MET A 192 -16.34 7.28 0.62
CA MET A 192 -15.47 8.47 0.93
C MET A 192 -15.89 9.74 0.13
N ALA A 193 -16.57 9.51 -1.00
CA ALA A 193 -16.94 10.52 -1.95
C ALA A 193 -18.21 11.20 -1.47
N SER A 194 -18.94 10.49 -0.60
CA SER A 194 -20.19 11.03 -0.09
C SER A 194 -20.13 11.30 1.36
N THR A 195 -18.94 11.38 1.91
CA THR A 195 -18.82 11.60 3.31
C THR A 195 -18.11 12.88 3.49
N PRO A 196 -18.77 13.87 4.12
CA PRO A 196 -18.21 15.20 4.36
C PRO A 196 -16.92 15.11 5.13
N HIS A 197 -15.96 15.99 4.81
CA HIS A 197 -14.64 16.01 5.41
C HIS A 197 -14.01 17.39 5.22
N PRO A 198 -13.39 17.94 6.31
CA PRO A 198 -13.47 17.46 7.70
C PRO A 198 -14.89 17.39 8.25
N PRO A 199 -15.11 16.65 9.36
CA PRO A 199 -16.50 16.52 9.87
C PRO A 199 -17.17 17.85 10.12
N GLY A 200 -18.40 17.95 9.61
CA GLY A 200 -19.15 19.18 9.64
C GLY A 200 -18.63 20.23 8.69
N ALA A 201 -18.08 19.82 7.56
CA ALA A 201 -17.78 20.77 6.49
C ALA A 201 -18.76 20.60 5.32
N ARG A 202 -18.82 21.66 4.51
CA ARG A 202 -19.71 21.77 3.35
C ARG A 202 -18.95 21.75 2.02
N GLY A 203 -19.39 20.90 1.08
CA GLY A 203 -18.86 20.89 -0.27
C GLY A 203 -17.75 19.89 -0.53
N THR A 204 -16.97 19.57 0.51
CA THR A 204 -15.75 18.74 0.43
C THR A 204 -15.84 17.37 1.15
N SER A 205 -15.43 16.32 0.47
CA SER A 205 -15.66 14.95 0.95
C SER A 205 -14.37 14.37 1.44
N GLN A 206 -14.42 13.13 1.93
CA GLN A 206 -13.21 12.45 2.34
C GLN A 206 -12.21 12.15 1.19
N LEU A 207 -12.67 11.84 -0.04
CA LEU A 207 -11.72 11.73 -1.17
C LEU A 207 -10.91 12.99 -1.29
N HIS A 208 -11.59 14.13 -1.30
CA HIS A 208 -10.96 15.40 -1.43
C HIS A 208 -9.83 15.66 -0.43
N GLY A 209 -9.81 14.97 0.70
CA GLY A 209 -8.68 15.20 1.66
C GLY A 209 -7.56 14.18 1.39
N MET A 210 -7.77 13.38 0.33
CA MET A 210 -6.74 12.41 -0.13
C MET A 210 -5.61 13.09 -0.90
N ASP A 211 -4.54 13.55 -0.23
CA ASP A 211 -3.40 14.19 -0.92
C ASP A 211 -2.90 13.40 -2.13
N LEU A 212 -2.71 12.09 -1.91
CA LEU A 212 -2.00 11.15 -2.81
C LEU A 212 -2.30 9.69 -2.37
N LEU A 213 -2.79 8.89 -3.29
CA LEU A 213 -2.92 7.48 -2.99
C LEU A 213 -1.73 6.68 -3.56
N VAL A 214 -1.08 5.94 -2.70
CA VAL A 214 0.13 5.20 -3.03
C VAL A 214 -0.22 3.76 -2.87
N LEU A 215 -0.54 3.09 -3.95
CA LEU A 215 -1.02 1.75 -3.95
C LEU A 215 0.20 0.81 -4.15
N LEU A 216 0.60 0.04 -3.13
CA LEU A 216 1.56 -1.05 -3.33
C LEU A 216 0.85 -2.31 -3.84
N ASP A 217 1.34 -2.93 -4.88
CA ASP A 217 0.70 -4.20 -5.38
C ASP A 217 1.76 -5.05 -6.11
N LEU A 218 1.71 -6.38 -5.96
CA LEU A 218 2.61 -7.30 -6.61
C LEU A 218 4.06 -7.00 -6.26
N ILE A 219 4.38 -6.73 -5.01
CA ILE A 219 5.75 -6.45 -4.61
C ILE A 219 6.33 -7.70 -3.95
N GLY A 220 7.60 -7.98 -4.21
CA GLY A 220 8.32 -9.08 -3.50
C GLY A 220 9.20 -9.96 -4.37
N ALA A 221 8.95 -9.88 -5.66
CA ALA A 221 9.71 -10.61 -6.65
C ALA A 221 11.03 -9.88 -6.87
N PRO A 222 12.10 -10.65 -7.24
CA PRO A 222 13.41 -10.10 -7.56
C PRO A 222 13.30 -9.21 -8.77
N ASN A 223 14.08 -8.14 -8.79
CA ASN A 223 14.31 -7.30 -9.98
C ASN A 223 13.04 -6.71 -10.57
N PRO A 224 12.17 -6.10 -9.71
CA PRO A 224 10.96 -5.41 -10.16
C PRO A 224 11.29 -4.10 -10.89
N THR A 225 10.52 -3.77 -11.91
CA THR A 225 10.67 -2.44 -12.55
C THR A 225 9.34 -1.73 -12.56
N PHE A 226 9.30 -0.60 -11.85
CA PHE A 226 8.07 0.16 -11.67
C PHE A 226 8.05 1.33 -12.64
N PRO A 227 7.11 1.32 -13.60
CA PRO A 227 6.91 2.46 -14.50
C PRO A 227 6.48 3.74 -13.77
N ASN A 228 6.56 4.86 -14.46
CA ASN A 228 5.96 6.07 -13.98
C ASN A 228 4.66 6.23 -14.74
N PHE A 229 3.57 5.93 -14.05
CA PHE A 229 2.25 5.76 -14.66
C PHE A 229 1.51 7.05 -14.93
N PHE A 230 1.64 8.03 -14.04
CA PHE A 230 0.70 9.19 -14.07
C PHE A 230 1.40 10.50 -14.01
N PRO A 231 1.18 11.33 -15.05
CA PRO A 231 1.81 12.65 -14.98
C PRO A 231 1.58 13.34 -13.62
N ASN A 232 0.36 13.27 -13.09
CA ASN A 232 0.05 14.07 -11.90
C ASN A 232 0.60 13.50 -10.56
N SER A 233 1.36 12.42 -10.69
CA SER A 233 2.18 11.93 -9.61
C SER A 233 3.62 11.84 -10.07
N ALA A 234 3.94 12.29 -11.28
CA ALA A 234 5.28 12.13 -11.78
C ALA A 234 6.33 12.77 -10.85
N ARG A 235 6.04 13.91 -10.23
CA ARG A 235 7.06 14.52 -9.37
C ARG A 235 7.30 13.68 -8.09
N TRP A 236 6.27 12.91 -7.70
CA TRP A 236 6.38 11.99 -6.57
C TRP A 236 7.19 10.73 -6.92
N PHE A 237 6.90 10.11 -8.06
CA PHE A 237 7.77 9.07 -8.65
C PHE A 237 9.26 9.47 -8.78
N GLU A 238 9.51 10.70 -9.22
CA GLU A 238 10.84 11.33 -9.22
C GLU A 238 11.52 11.28 -7.86
N ARG A 239 10.75 11.57 -6.82
CA ARG A 239 11.24 11.52 -5.44
C ARG A 239 11.67 10.09 -5.08
N LEU A 240 10.89 9.09 -5.51
CA LEU A 240 11.28 7.68 -5.32
C LEU A 240 12.65 7.39 -6.01
N GLN A 241 12.81 7.94 -7.21
CA GLN A 241 14.03 7.81 -7.99
C GLN A 241 15.26 8.41 -7.36
N ALA A 242 15.09 9.60 -6.79
CA ALA A 242 16.17 10.27 -6.07
C ALA A 242 16.46 9.56 -4.77
N ILE A 243 15.44 8.88 -4.22
CA ILE A 243 15.58 8.22 -2.92
C ILE A 243 16.36 6.90 -3.05
N GLU A 244 15.87 6.02 -3.91
CA GLU A 244 16.60 4.84 -4.33
C GLU A 244 18.02 5.23 -4.58
N HIS A 245 18.21 6.31 -5.35
CA HIS A 245 19.52 6.76 -5.75
C HIS A 245 20.45 7.15 -4.58
N GLU A 246 19.92 7.88 -3.61
CA GLU A 246 20.70 8.28 -2.49
C GLU A 246 20.90 7.16 -1.47
N LEU A 247 19.91 6.30 -1.30
CA LEU A 247 20.11 5.22 -0.36
C LEU A 247 21.17 4.32 -0.95
N HIS A 248 21.15 4.18 -2.28
CA HIS A 248 22.13 3.38 -2.95
C HIS A 248 23.56 3.89 -2.72
N GLU A 249 23.78 5.18 -2.96
CA GLU A 249 25.10 5.79 -2.84
C GLU A 249 25.69 5.72 -1.43
N LEU A 250 24.83 5.60 -0.44
CA LEU A 250 25.26 5.67 0.94
C LEU A 250 25.57 4.25 1.42
N GLY A 251 25.39 3.30 0.51
CA GLY A 251 25.60 1.88 0.79
C GLY A 251 24.54 1.33 1.73
N LEU A 252 23.38 1.98 1.77
CA LEU A 252 22.26 1.56 2.63
C LEU A 252 21.30 0.55 1.98
N LEU A 253 21.48 0.29 0.68
CA LEU A 253 20.74 -0.80 0.02
C LEU A 253 21.60 -2.09 -0.11
N LYS A 254 20.94 -3.22 -0.33
CA LYS A 254 21.58 -4.52 -0.42
C LYS A 254 21.34 -5.15 -1.80
N ASP A 255 22.37 -5.84 -2.34
CA ASP A 255 22.28 -6.45 -3.69
C ASP A 255 21.64 -5.47 -4.69
N HIS A 256 22.09 -4.23 -4.67
CA HIS A 256 21.45 -3.18 -5.48
C HIS A 256 22.37 -2.58 -6.56
N SER A 257 21.84 -2.56 -7.79
CA SER A 257 22.52 -2.04 -8.98
C SER A 257 21.84 -0.76 -9.49
N LEU A 258 22.61 0.17 -10.06
CA LEU A 258 22.02 1.31 -10.75
C LEU A 258 21.44 0.89 -12.10
N GLU A 259 22.00 -0.16 -12.68
CA GLU A 259 21.54 -0.62 -13.97
C GLU A 259 20.30 -1.43 -13.80
N GLY A 260 20.17 -2.07 -12.65
CA GLY A 260 18.93 -2.72 -12.29
C GLY A 260 18.11 -1.94 -11.26
N ARG A 261 17.88 -0.65 -11.49
CA ARG A 261 17.00 0.10 -10.55
C ARG A 261 15.50 -0.29 -10.61
N TYR A 262 14.81 -0.12 -9.50
CA TYR A 262 13.39 -0.43 -9.42
C TYR A 262 12.58 0.66 -10.09
N PHE A 263 12.98 1.90 -9.82
CA PHE A 263 12.31 3.10 -10.28
C PHE A 263 12.98 3.75 -11.52
N GLN A 264 12.46 3.36 -12.68
CA GLN A 264 13.03 3.64 -13.98
C GLN A 264 12.46 4.90 -14.64
N ASN A 265 13.25 5.49 -15.52
CA ASN A 265 12.78 6.56 -16.39
C ASN A 265 11.86 6.06 -17.49
N TYR A 266 10.84 5.29 -17.11
CA TYR A 266 9.90 4.74 -18.08
C TYR A 266 8.44 5.12 -17.79
N SER A 267 7.75 5.62 -18.81
CA SER A 267 6.29 5.84 -18.75
C SER A 267 5.59 4.56 -19.21
N TYR A 268 4.36 4.32 -18.76
CA TYR A 268 3.62 3.12 -19.19
C TYR A 268 2.50 3.42 -20.18
N GLY A 269 2.31 2.58 -21.18
CA GLY A 269 1.47 2.91 -22.31
C GLY A 269 0.10 2.29 -22.32
N GLY A 270 -0.20 1.48 -21.32
CA GLY A 270 -1.53 0.87 -21.17
C GLY A 270 -2.27 1.33 -19.92
N VAL A 271 -3.42 0.72 -19.66
CA VAL A 271 -4.18 1.03 -18.46
C VAL A 271 -4.20 -0.24 -17.61
N ILE A 272 -3.75 -0.14 -16.37
CA ILE A 272 -3.89 -1.23 -15.40
C ILE A 272 -5.07 -1.08 -14.44
N GLN A 273 -5.96 -2.07 -14.41
CA GLN A 273 -7.01 -2.20 -13.36
C GLN A 273 -6.47 -2.61 -12.00
N ASP A 274 -6.86 -1.86 -10.98
CA ASP A 274 -6.45 -2.14 -9.60
C ASP A 274 -7.29 -1.25 -8.66
N ASP A 275 -7.14 -1.41 -7.35
CA ASP A 275 -7.84 -0.60 -6.35
C ASP A 275 -7.82 0.91 -6.51
N HIS A 276 -6.88 1.44 -7.28
CA HIS A 276 -6.77 2.93 -7.46
C HIS A 276 -7.81 3.39 -8.44
N ILE A 277 -8.21 2.51 -9.32
CA ILE A 277 -9.20 2.82 -10.33
C ILE A 277 -10.36 3.71 -9.82
N PRO A 278 -11.10 3.29 -8.74
CA PRO A 278 -12.27 4.18 -8.37
C PRO A 278 -11.92 5.49 -7.65
N PHE A 279 -10.77 5.52 -6.98
CA PHE A 279 -10.21 6.80 -6.52
C PHE A 279 -9.68 7.70 -7.66
N LEU A 280 -8.84 7.13 -8.53
CA LEU A 280 -8.28 7.91 -9.68
C LEU A 280 -9.38 8.57 -10.51
N ARG A 281 -10.33 7.79 -11.02
CA ARG A 281 -11.41 8.33 -11.84
C ARG A 281 -12.34 9.33 -11.10
N ARG A 282 -12.12 9.56 -9.80
CA ARG A 282 -12.83 10.62 -9.07
C ARG A 282 -11.86 11.79 -8.78
N GLY A 283 -10.66 11.71 -9.37
CA GLY A 283 -9.73 12.80 -9.33
C GLY A 283 -8.68 12.74 -8.23
N VAL A 284 -8.59 11.62 -7.50
CA VAL A 284 -7.55 11.46 -6.50
C VAL A 284 -6.21 11.23 -7.23
N PRO A 285 -5.14 11.95 -6.90
CA PRO A 285 -3.89 11.55 -7.56
C PRO A 285 -3.37 10.19 -7.07
N VAL A 286 -2.77 9.45 -7.98
CA VAL A 286 -2.25 8.10 -7.72
C VAL A 286 -0.80 7.87 -8.10
N LEU A 287 -0.07 7.23 -7.16
CA LEU A 287 1.35 6.80 -7.31
C LEU A 287 1.22 5.29 -7.23
N HIS A 288 1.34 4.61 -8.34
CA HIS A 288 0.93 3.22 -8.37
C HIS A 288 2.18 2.36 -8.37
N LEU A 289 2.54 1.83 -7.20
CA LEU A 289 3.70 0.96 -7.05
C LEU A 289 3.30 -0.48 -7.41
N ILE A 290 2.96 -0.67 -8.67
CA ILE A 290 2.87 -2.00 -9.27
C ILE A 290 3.98 -2.07 -10.38
N PRO A 291 4.80 -3.16 -10.40
CA PRO A 291 5.81 -3.29 -11.44
C PRO A 291 5.17 -3.70 -12.76
N SER A 292 5.89 -3.45 -13.84
CA SER A 292 5.55 -3.94 -15.14
C SER A 292 6.92 -4.32 -15.67
N PRO A 293 7.09 -5.60 -16.05
CA PRO A 293 6.01 -6.60 -16.13
C PRO A 293 5.61 -7.14 -14.75
N PHE A 294 4.50 -7.87 -14.69
CA PHE A 294 4.05 -8.50 -13.41
C PHE A 294 5.04 -9.61 -13.08
N PRO A 295 5.26 -9.92 -11.80
CA PRO A 295 6.12 -11.04 -11.38
C PRO A 295 5.80 -12.32 -12.19
N GLU A 296 6.86 -13.09 -12.51
CA GLU A 296 6.76 -14.43 -13.10
C GLU A 296 5.62 -15.30 -12.44
N VAL A 297 5.54 -15.21 -11.13
CA VAL A 297 4.56 -16.03 -10.39
C VAL A 297 3.12 -15.52 -10.32
N TRP A 298 2.79 -14.40 -10.98
CA TRP A 298 1.48 -13.76 -10.78
C TRP A 298 0.30 -14.66 -11.10
N HIS A 299 -0.63 -14.79 -10.12
CA HIS A 299 -1.86 -15.62 -10.26
C HIS A 299 -1.51 -17.08 -10.59
N THR A 300 -0.47 -17.51 -9.92
CA THR A 300 -0.09 -18.92 -9.90
C THR A 300 0.20 -19.38 -8.47
N MET A 301 0.12 -20.69 -8.25
CA MET A 301 0.33 -21.28 -6.94
C MET A 301 1.69 -21.05 -6.39
N ASP A 302 2.61 -20.71 -7.30
CA ASP A 302 3.96 -20.35 -7.02
C ASP A 302 4.15 -18.98 -6.39
N ASP A 303 3.07 -18.17 -6.27
CA ASP A 303 3.26 -16.89 -5.62
C ASP A 303 3.30 -17.11 -4.12
N ASN A 304 4.47 -17.52 -3.61
CA ASN A 304 4.57 -18.06 -2.24
C ASN A 304 5.75 -17.45 -1.51
N GLU A 305 5.97 -17.84 -0.28
CA GLU A 305 7.04 -17.24 0.47
C GLU A 305 8.39 -17.54 -0.22
N GLU A 306 8.51 -18.73 -0.85
CA GLU A 306 9.79 -19.28 -1.35
C GLU A 306 10.35 -18.38 -2.45
N ASN A 307 9.45 -17.84 -3.27
CA ASN A 307 9.78 -17.07 -4.47
C ASN A 307 9.93 -15.57 -4.24
N LEU A 308 10.02 -15.21 -2.98
CA LEU A 308 10.04 -13.84 -2.61
C LEU A 308 11.47 -13.54 -2.44
N ASP A 309 11.82 -12.29 -2.61
CA ASP A 309 13.19 -11.90 -2.39
C ASP A 309 13.44 -10.93 -1.23
N GLU A 310 14.08 -11.42 -0.19
CA GLU A 310 14.39 -10.67 0.99
C GLU A 310 14.96 -9.24 0.79
N SER A 311 16.11 -9.13 0.14
CA SER A 311 16.79 -7.84 -0.05
C SER A 311 16.01 -6.80 -0.85
N THR A 312 15.28 -7.22 -1.89
CA THR A 312 14.41 -6.35 -2.69
C THR A 312 13.37 -5.67 -1.77
N ILE A 313 12.75 -6.49 -0.94
CA ILE A 313 11.73 -6.02 -0.07
C ILE A 313 12.32 -5.18 1.04
N ASP A 314 13.41 -5.63 1.60
CA ASP A 314 14.08 -4.82 2.57
C ASP A 314 14.37 -3.47 1.93
N ASN A 315 14.91 -3.48 0.71
CA ASN A 315 15.30 -2.23 0.06
C ASN A 315 14.10 -1.28 -0.12
N LEU A 316 13.01 -1.81 -0.63
CA LEU A 316 11.84 -1.01 -0.95
C LEU A 316 11.20 -0.45 0.32
N ASN A 317 11.32 -1.18 1.44
CA ASN A 317 10.83 -0.65 2.72
C ASN A 317 11.53 0.68 3.05
N LYS A 318 12.78 0.79 2.66
CA LYS A 318 13.62 1.92 3.08
C LYS A 318 13.31 3.10 2.15
N ILE A 319 13.14 2.80 0.86
CA ILE A 319 12.75 3.81 -0.13
C ILE A 319 11.40 4.37 0.33
N LEU A 320 10.48 3.47 0.62
CA LEU A 320 9.14 3.82 1.03
C LEU A 320 9.02 4.60 2.33
N GLN A 321 9.78 4.20 3.35
CA GLN A 321 9.75 4.88 4.65
C GLN A 321 10.33 6.28 4.60
N VAL A 322 11.40 6.44 3.82
CA VAL A 322 12.00 7.74 3.54
C VAL A 322 10.97 8.60 2.78
N PHE A 323 10.35 8.04 1.72
CA PHE A 323 9.37 8.78 0.92
C PHE A 323 8.32 9.35 1.84
N VAL A 324 7.87 8.51 2.77
CA VAL A 324 6.77 8.83 3.65
C VAL A 324 7.15 9.89 4.64
N LEU A 325 8.28 9.72 5.33
CA LEU A 325 8.79 10.79 6.22
C LEU A 325 8.99 12.15 5.56
N GLU A 326 9.43 12.12 4.30
CA GLU A 326 9.73 13.35 3.57
C GLU A 326 8.41 14.07 3.24
N TYR A 327 7.42 13.32 2.76
CA TYR A 327 6.10 13.87 2.52
C TYR A 327 5.47 14.53 3.75
N LEU A 328 5.62 13.85 4.90
CA LEU A 328 5.03 14.27 6.18
C LEU A 328 5.95 15.26 6.86
N HIS A 329 7.08 15.54 6.24
CA HIS A 329 8.09 16.37 6.90
C HIS A 329 8.29 15.84 8.32
N LEU A 330 8.83 14.63 8.46
CA LEU A 330 9.10 14.02 9.78
C LEU A 330 10.56 13.67 10.13
#